data_8UL7
#
_entry.id   8UL7
#
_cell.length_a   93.863
_cell.length_b   64.382
_cell.length_c   66.807
_cell.angle_alpha   90.00
_cell.angle_beta   102.45
_cell.angle_gamma   90.00
#
_symmetry.space_group_name_H-M   'C 1 2 1'
#
loop_
_entity.id
_entity.type
_entity.pdbx_description
1 polymer Sialidase
2 non-polymer 1,2-ETHANEDIOL
3 non-polymer 'N-acetyl-alpha-neuraminic acid'
4 water water
#
_entity_poly.entity_id   1
_entity_poly.type   'polypeptide(L)'
_entity_poly.pdbx_seq_one_letter_code
;HMCNKNNTFEKNLDISHKPEPLILFNKDNNIWNSKYFRIPNIQLLNDGTILTFSDIRYNGPDDHAYIDIASARSTDFGKT
WSYDIAMKNNRIDSTYSRVMDSTTVITNTGRIILIAGSWNTNGNWAMTTSTRRSDWSVQMIYSDDNGLTWSNKIDLTKDS
SKVKNQPSNTIGWLGGVGSGIVMDDGTIVMPAQISLRENNENNYYSLIIYSKDNGETWTMGNKVPNSNTSENMVIELDGA
LIMSTRYDYSGYRAAYISHDLGSTWEIYEPLNGKVLTGKGSGCQGSFIKATTSNGHRIGLISAPKNTKGEYIRDNIAVYM
IDFDDLSKRVQEICIPYPKDGNKLGGGYSCLSFKNSHLSIVYEANGNIEYQDLTPYYSLINKQ
;
_entity_poly.pdbx_strand_id   A
#
loop_
_chem_comp.id
_chem_comp.type
_chem_comp.name
_chem_comp.formula
EDO non-polymer 1,2-ETHANEDIOL 'C2 H6 O2'
SIA D-saccharide, alpha linking 'N-acetyl-alpha-neuraminic acid' 'C11 H19 N O9'
#
# COMPACT_ATOMS: atom_id res chain seq x y z
N PRO A 21 -16.86 -14.35 2.59
CA PRO A 21 -16.33 -13.03 2.30
C PRO A 21 -17.13 -12.30 1.21
N LEU A 22 -17.32 -11.00 1.41
CA LEU A 22 -18.02 -10.20 0.42
C LEU A 22 -17.12 -9.94 -0.79
N ILE A 23 -17.69 -10.07 -1.99
CA ILE A 23 -16.99 -9.68 -3.21
C ILE A 23 -17.20 -8.18 -3.40
N LEU A 24 -16.17 -7.38 -3.14
CA LEU A 24 -16.30 -5.93 -3.13
C LEU A 24 -16.23 -5.34 -4.53
N PHE A 25 -15.28 -5.82 -5.34
CA PHE A 25 -15.20 -5.47 -6.76
C PHE A 25 -15.26 -6.79 -7.52
N ASN A 26 -16.28 -6.93 -8.36
CA ASN A 26 -16.61 -8.20 -9.02
C ASN A 26 -16.38 -8.08 -10.53
N LYS A 27 -15.36 -8.81 -11.02
CA LYS A 27 -15.03 -8.80 -12.44
C LYS A 27 -16.19 -9.28 -13.31
N ASP A 28 -17.11 -10.08 -12.74
CA ASP A 28 -18.23 -10.62 -13.49
C ASP A 28 -19.51 -9.81 -13.32
N ASN A 29 -19.48 -8.75 -12.50
CA ASN A 29 -20.65 -7.88 -12.29
C ASN A 29 -20.23 -6.54 -11.70
N ASN A 30 -19.81 -5.62 -12.54
CA ASN A 30 -19.43 -4.31 -12.06
C ASN A 30 -19.88 -3.26 -13.05
N ILE A 31 -20.06 -2.05 -12.53
CA ILE A 31 -20.69 -0.98 -13.28
C ILE A 31 -19.81 -0.42 -14.38
N TRP A 32 -18.55 -0.83 -14.47
CA TRP A 32 -17.64 -0.40 -15.53
C TRP A 32 -17.42 -1.48 -16.56
N ASN A 33 -18.02 -2.66 -16.36
CA ASN A 33 -17.77 -3.84 -17.18
C ASN A 33 -16.27 -4.13 -17.29
N SER A 34 -15.56 -3.82 -16.21
CA SER A 34 -14.13 -4.12 -16.14
C SER A 34 -13.91 -5.63 -16.08
N LYS A 35 -12.90 -6.10 -16.78
CA LYS A 35 -12.54 -7.51 -16.82
C LYS A 35 -11.75 -7.96 -15.59
N TYR A 36 -11.21 -7.04 -14.78
CA TYR A 36 -10.28 -7.40 -13.71
C TYR A 36 -10.15 -6.24 -12.73
N PHE A 37 -9.81 -6.56 -11.48
CA PHE A 37 -9.53 -5.57 -10.44
C PHE A 37 -8.26 -5.98 -9.72
N ARG A 38 -7.43 -5.01 -9.35
CA ARG A 38 -6.17 -5.29 -8.66
C ARG A 38 -5.85 -4.16 -7.70
N ILE A 39 -4.96 -4.46 -6.74
CA ILE A 39 -4.34 -3.46 -5.85
C ILE A 39 -5.34 -2.79 -4.92
N PRO A 40 -5.93 -3.53 -3.97
CA PRO A 40 -6.98 -2.95 -3.10
C PRO A 40 -6.38 -2.11 -1.98
N ASN A 41 -7.21 -1.19 -1.48
CA ASN A 41 -6.84 -0.29 -0.39
C ASN A 41 -8.05 -0.12 0.52
N ILE A 42 -7.83 -0.02 1.83
CA ILE A 42 -8.93 0.23 2.77
C ILE A 42 -8.52 1.23 3.83
N GLN A 43 -9.44 2.14 4.18
CA GLN A 43 -9.32 2.99 5.37
C GLN A 43 -10.59 2.82 6.19
N LEU A 44 -10.44 2.53 7.47
CA LEU A 44 -11.57 2.58 8.41
C LEU A 44 -11.62 3.98 9.00
N LEU A 45 -12.74 4.67 8.78
CA LEU A 45 -12.82 6.04 9.24
C LEU A 45 -13.20 6.08 10.71
N ASN A 46 -12.87 7.21 11.36
CA ASN A 46 -13.18 7.33 12.77
C ASN A 46 -14.68 7.18 13.07
N ASP A 47 -15.55 7.55 12.12
CA ASP A 47 -16.98 7.47 12.37
C ASP A 47 -17.59 6.14 11.93
N GLY A 48 -16.76 5.17 11.57
CA GLY A 48 -17.23 3.84 11.22
C GLY A 48 -17.48 3.65 9.75
N THR A 49 -17.43 4.72 8.96
CA THR A 49 -17.44 4.60 7.49
C THR A 49 -16.24 3.77 7.05
N ILE A 50 -16.44 2.93 6.02
CA ILE A 50 -15.36 2.17 5.40
C ILE A 50 -15.17 2.69 4.00
N LEU A 51 -13.92 3.05 3.68
CA LEU A 51 -13.58 3.58 2.37
C LEU A 51 -12.55 2.65 1.78
N THR A 52 -12.78 2.21 0.53
CA THR A 52 -11.84 1.33 -0.15
C THR A 52 -11.57 1.90 -1.54
N PHE A 53 -10.54 1.34 -2.18
CA PHE A 53 -10.14 1.71 -3.52
C PHE A 53 -9.57 0.48 -4.19
N SER A 54 -9.57 0.51 -5.52
CA SER A 54 -8.97 -0.56 -6.30
C SER A 54 -8.67 -0.03 -7.69
N ASP A 55 -7.61 -0.57 -8.30
CA ASP A 55 -7.43 -0.40 -9.73
C ASP A 55 -8.64 -0.96 -10.47
N ILE A 56 -9.18 -0.19 -11.42
CA ILE A 56 -10.11 -0.72 -12.42
C ILE A 56 -9.28 -1.11 -13.64
N ARG A 57 -8.96 -2.40 -13.77
CA ARG A 57 -8.16 -2.88 -14.89
C ARG A 57 -9.11 -3.35 -16.00
N TYR A 58 -9.61 -2.36 -16.74
CA TYR A 58 -10.74 -2.57 -17.65
C TYR A 58 -10.50 -3.73 -18.61
N ASN A 59 -9.31 -3.81 -19.18
CA ASN A 59 -9.09 -4.71 -20.30
C ASN A 59 -8.42 -6.03 -19.93
N GLY A 60 -8.16 -6.28 -18.65
CA GLY A 60 -7.54 -7.52 -18.24
C GLY A 60 -6.60 -7.28 -17.07
N PRO A 61 -5.82 -8.30 -16.68
CA PRO A 61 -4.95 -8.15 -15.49
C PRO A 61 -3.70 -7.30 -15.70
N ASP A 62 -3.32 -6.98 -16.94
CA ASP A 62 -1.99 -6.39 -17.20
C ASP A 62 -1.77 -5.08 -16.44
N ASP A 63 -0.53 -4.90 -15.93
CA ASP A 63 -0.10 -3.64 -15.33
C ASP A 63 -0.03 -2.52 -16.35
N HIS A 64 0.45 -2.83 -17.56
CA HIS A 64 0.72 -1.83 -18.58
C HIS A 64 -0.47 -1.79 -19.53
N ALA A 65 -1.45 -0.99 -19.16
CA ALA A 65 -2.78 -1.11 -19.74
C ALA A 65 -3.60 0.11 -19.28
N TYR A 66 -4.89 0.10 -19.63
CA TYR A 66 -5.76 1.25 -19.39
C TYR A 66 -6.43 1.09 -18.04
N ILE A 67 -6.13 1.98 -17.09
CA ILE A 67 -6.52 1.77 -15.69
C ILE A 67 -6.98 3.10 -15.08
N ASP A 68 -8.12 3.07 -14.40
CA ASP A 68 -8.55 4.12 -13.48
C ASP A 68 -8.59 3.53 -12.08
N ILE A 69 -8.79 4.40 -11.09
CA ILE A 69 -8.89 3.98 -9.69
C ILE A 69 -10.32 4.22 -9.21
N ALA A 70 -10.97 3.16 -8.75
CA ALA A 70 -12.30 3.23 -8.18
C ALA A 70 -12.23 3.45 -6.68
N SER A 71 -13.34 3.96 -6.12
CA SER A 71 -13.57 3.88 -4.69
C SER A 71 -14.85 3.09 -4.44
N ALA A 72 -14.92 2.45 -3.30
CA ALA A 72 -16.15 1.83 -2.84
C ALA A 72 -16.32 2.24 -1.39
N ARG A 73 -17.51 2.78 -1.06
CA ARG A 73 -17.75 3.40 0.24
C ARG A 73 -18.98 2.77 0.90
N SER A 74 -18.88 2.51 2.21
CA SER A 74 -19.96 1.86 2.96
C SER A 74 -20.23 2.59 4.27
N THR A 75 -21.53 2.84 4.53
CA THR A 75 -22.00 3.43 5.79
C THR A 75 -22.75 2.44 6.66
N ASP A 76 -22.81 1.16 6.26
CA ASP A 76 -23.48 0.15 7.05
C ASP A 76 -22.52 -0.97 7.41
N PHE A 77 -21.25 -0.61 7.62
CA PHE A 77 -20.20 -1.52 8.11
C PHE A 77 -19.96 -2.68 7.14
N GLY A 78 -19.99 -2.38 5.85
CA GLY A 78 -19.58 -3.33 4.84
C GLY A 78 -20.69 -4.16 4.24
N LYS A 79 -21.95 -3.90 4.59
CA LYS A 79 -23.07 -4.64 4.00
C LYS A 79 -23.28 -4.25 2.55
N THR A 80 -23.37 -2.94 2.30
CA THR A 80 -23.64 -2.40 0.97
C THR A 80 -22.65 -1.27 0.71
N TRP A 81 -22.46 -0.95 -0.57
CA TRP A 81 -21.37 -0.08 -0.99
C TRP A 81 -21.79 0.85 -2.12
N SER A 82 -21.33 2.09 -2.06
CA SER A 82 -21.48 3.04 -3.16
C SER A 82 -20.17 3.13 -3.92
N TYR A 83 -20.24 3.05 -5.25
CA TYR A 83 -19.07 2.94 -6.12
C TYR A 83 -18.91 4.21 -6.95
N ASP A 84 -17.65 4.61 -7.14
CA ASP A 84 -17.31 5.78 -7.94
C ASP A 84 -15.92 5.57 -8.53
N ILE A 85 -15.60 6.33 -9.58
CA ILE A 85 -14.22 6.42 -10.06
C ILE A 85 -13.56 7.57 -9.30
N ALA A 86 -12.64 7.25 -8.41
CA ALA A 86 -11.99 8.29 -7.63
C ALA A 86 -10.94 9.05 -8.43
N MET A 87 -10.24 8.39 -9.36
CA MET A 87 -9.21 9.10 -10.12
C MET A 87 -9.09 8.48 -11.50
N LYS A 88 -9.12 9.32 -12.52
CA LYS A 88 -9.00 8.88 -13.89
C LYS A 88 -7.57 9.09 -14.37
N ASN A 89 -7.14 8.25 -15.30
CA ASN A 89 -5.84 8.41 -15.91
C ASN A 89 -5.84 9.68 -16.78
N ASN A 90 -4.67 10.02 -17.35
CA ASN A 90 -4.56 11.25 -18.12
C ASN A 90 -5.25 11.18 -19.49
N ARG A 91 -5.89 10.05 -19.84
CA ARG A 91 -6.70 9.87 -21.05
C ARG A 91 -5.92 10.13 -22.34
N ILE A 92 -4.59 10.09 -22.30
CA ILE A 92 -3.77 10.40 -23.49
C ILE A 92 -3.67 9.20 -24.41
N ASP A 93 -3.64 7.99 -23.86
CA ASP A 93 -3.37 6.77 -24.62
C ASP A 93 -4.46 5.76 -24.28
N SER A 94 -5.29 5.41 -25.27
CA SER A 94 -6.38 4.48 -25.01
C SER A 94 -5.92 3.07 -24.66
N THR A 95 -4.65 2.73 -24.89
CA THR A 95 -4.17 1.43 -24.46
C THR A 95 -3.40 1.48 -23.14
N TYR A 96 -2.59 2.53 -22.90
CA TYR A 96 -1.59 2.51 -21.82
C TYR A 96 -1.78 3.57 -20.75
N SER A 97 -2.77 4.46 -20.87
CA SER A 97 -2.95 5.47 -19.85
C SER A 97 -3.43 4.79 -18.57
N ARG A 98 -2.78 5.12 -17.45
CA ARG A 98 -3.08 4.45 -16.19
C ARG A 98 -2.74 5.33 -15.02
N VAL A 99 -3.63 5.37 -14.05
CA VAL A 99 -3.29 5.74 -12.68
C VAL A 99 -3.56 4.49 -11.86
N MET A 100 -2.69 4.18 -10.92
CA MET A 100 -2.71 2.84 -10.31
C MET A 100 -1.89 2.85 -9.01
N ASP A 101 -2.00 1.75 -8.28
CA ASP A 101 -1.15 1.43 -7.13
C ASP A 101 -1.36 2.42 -5.99
N SER A 102 -2.62 2.47 -5.49
CA SER A 102 -3.03 3.48 -4.52
C SER A 102 -2.25 3.38 -3.22
N THR A 103 -1.89 4.54 -2.67
CA THR A 103 -1.43 4.66 -1.29
C THR A 103 -2.28 5.76 -0.65
N THR A 104 -2.85 5.48 0.52
CA THR A 104 -3.78 6.43 1.12
C THR A 104 -3.42 6.72 2.57
N VAL A 105 -4.01 7.79 3.11
CA VAL A 105 -3.82 8.14 4.52
C VAL A 105 -4.98 9.04 4.94
N ILE A 106 -5.30 9.01 6.24
CA ILE A 106 -6.26 9.92 6.85
C ILE A 106 -5.49 10.83 7.82
N THR A 107 -5.53 12.13 7.57
CA THR A 107 -4.77 13.06 8.38
C THR A 107 -5.52 13.37 9.69
N ASN A 108 -4.86 14.12 10.57
CA ASN A 108 -5.52 14.52 11.81
C ASN A 108 -6.67 15.49 11.60
N THR A 109 -6.83 16.09 10.43
CA THR A 109 -8.06 16.82 10.18
C THR A 109 -9.20 15.94 9.67
N GLY A 110 -8.93 14.64 9.43
CA GLY A 110 -9.86 13.78 8.73
C GLY A 110 -9.75 13.83 7.22
N ARG A 111 -8.90 14.70 6.67
CA ARG A 111 -8.66 14.68 5.24
C ARG A 111 -8.19 13.30 4.80
N ILE A 112 -8.70 12.83 3.67
CA ILE A 112 -8.29 11.56 3.08
C ILE A 112 -7.46 11.87 1.83
N ILE A 113 -6.20 11.43 1.82
CA ILE A 113 -5.29 11.69 0.71
C ILE A 113 -5.09 10.39 -0.04
N LEU A 114 -5.11 10.44 -1.38
CA LEU A 114 -4.77 9.30 -2.22
C LEU A 114 -3.66 9.71 -3.18
N ILE A 115 -2.60 8.90 -3.21
CA ILE A 115 -1.47 9.16 -4.10
C ILE A 115 -1.30 7.94 -5.00
N ALA A 116 -1.19 8.20 -6.31
CA ALA A 116 -1.09 7.14 -7.31
C ALA A 116 0.01 7.43 -8.30
N GLY A 117 0.56 6.38 -8.89
CA GLY A 117 1.48 6.56 -10.00
C GLY A 117 0.70 6.69 -11.30
N SER A 118 1.22 7.51 -12.22
CA SER A 118 0.56 7.79 -13.48
C SER A 118 1.53 7.61 -14.64
N TRP A 119 1.14 6.81 -15.64
CA TRP A 119 1.91 6.65 -16.86
C TRP A 119 0.96 6.61 -18.04
N ASN A 120 1.52 6.57 -19.27
CA ASN A 120 0.66 6.35 -20.43
C ASN A 120 1.41 5.67 -21.59
N THR A 121 2.46 4.90 -21.29
CA THR A 121 3.23 4.14 -22.28
C THR A 121 3.56 2.74 -21.74
N ASN A 122 3.86 1.82 -22.66
CA ASN A 122 4.22 0.47 -22.29
C ASN A 122 5.57 0.44 -21.56
N GLY A 123 5.71 -0.51 -20.63
CA GLY A 123 7.01 -0.79 -20.05
C GLY A 123 7.06 -0.51 -18.56
N ASN A 124 7.70 -1.42 -17.82
CA ASN A 124 7.77 -1.31 -16.37
C ASN A 124 8.29 0.06 -15.94
N TRP A 125 7.63 0.63 -14.92
CA TRP A 125 7.94 1.98 -14.46
C TRP A 125 9.40 2.15 -14.04
N ALA A 126 10.00 1.11 -13.47
CA ALA A 126 11.30 1.28 -12.84
C ALA A 126 12.47 0.99 -13.78
N MET A 127 12.27 0.12 -14.77
CA MET A 127 13.38 -0.41 -15.55
C MET A 127 13.39 -0.08 -17.04
N THR A 128 12.36 0.57 -17.57
CA THR A 128 12.27 0.74 -19.02
C THR A 128 13.26 1.78 -19.53
N THR A 129 13.37 2.93 -18.86
CA THR A 129 14.17 4.04 -19.36
C THR A 129 15.40 4.27 -18.49
N SER A 130 16.49 4.73 -19.11
CA SER A 130 17.68 5.12 -18.36
C SER A 130 17.66 6.57 -17.89
N THR A 131 16.68 7.35 -18.31
CA THR A 131 16.48 8.70 -17.78
C THR A 131 15.06 8.80 -17.25
N ARG A 132 14.78 9.92 -16.57
CA ARG A 132 13.45 10.18 -16.01
C ARG A 132 12.38 9.82 -17.01
N ARG A 133 11.50 8.90 -16.61
CA ARG A 133 10.42 8.42 -17.46
C ARG A 133 9.51 9.60 -17.85
N SER A 134 9.44 9.92 -19.15
CA SER A 134 8.87 11.20 -19.55
C SER A 134 7.35 11.25 -19.35
N ASP A 135 6.64 10.12 -19.46
CA ASP A 135 5.20 10.11 -19.20
C ASP A 135 4.85 9.86 -17.74
N TRP A 136 5.85 9.81 -16.86
CA TRP A 136 5.63 9.45 -15.45
C TRP A 136 5.29 10.67 -14.62
N SER A 137 4.32 10.52 -13.73
CA SER A 137 4.06 11.51 -12.70
C SER A 137 3.41 10.83 -11.52
N VAL A 138 3.43 11.54 -10.39
CA VAL A 138 2.69 11.14 -9.20
C VAL A 138 1.53 12.11 -9.04
N GLN A 139 0.31 11.57 -8.94
CA GLN A 139 -0.90 12.36 -8.86
C GLN A 139 -1.53 12.19 -7.49
N MET A 140 -2.06 13.28 -6.94
CA MET A 140 -2.63 13.25 -5.59
C MET A 140 -4.03 13.86 -5.64
N ILE A 141 -4.97 13.23 -4.94
CA ILE A 141 -6.27 13.83 -4.67
C ILE A 141 -6.53 13.75 -3.18
N TYR A 142 -7.43 14.61 -2.71
CA TYR A 142 -7.77 14.66 -1.29
C TYR A 142 -9.26 14.95 -1.14
N SER A 143 -9.82 14.44 -0.05
CA SER A 143 -11.25 14.62 0.24
C SER A 143 -11.38 15.17 1.65
N ASP A 144 -12.07 16.30 1.76
CA ASP A 144 -12.35 16.90 3.06
C ASP A 144 -13.77 16.61 3.55
N ASP A 145 -14.53 15.76 2.85
CA ASP A 145 -15.86 15.36 3.28
C ASP A 145 -15.98 13.84 3.41
N ASN A 146 -14.91 13.20 3.94
CA ASN A 146 -14.93 11.77 4.30
C ASN A 146 -15.14 10.86 3.11
N GLY A 147 -14.55 11.21 1.97
CA GLY A 147 -14.59 10.33 0.83
C GLY A 147 -15.74 10.53 -0.13
N LEU A 148 -16.60 11.54 0.10
CA LEU A 148 -17.74 11.75 -0.78
C LEU A 148 -17.33 12.44 -2.08
N THR A 149 -16.46 13.44 -2.00
CA THR A 149 -15.98 14.17 -3.16
C THR A 149 -14.48 14.36 -3.05
N TRP A 150 -13.84 14.52 -4.21
CA TRP A 150 -12.39 14.65 -4.28
C TRP A 150 -11.99 15.97 -4.92
N SER A 151 -10.85 16.50 -4.49
CA SER A 151 -10.21 17.59 -5.17
C SER A 151 -9.92 17.22 -6.63
N ASN A 152 -9.52 18.21 -7.41
CA ASN A 152 -8.89 17.88 -8.68
C ASN A 152 -7.58 17.16 -8.43
N LYS A 153 -7.06 16.53 -9.47
CA LYS A 153 -5.76 15.88 -9.36
C LYS A 153 -4.68 16.94 -9.23
N ILE A 154 -3.77 16.72 -8.27
CA ILE A 154 -2.63 17.57 -8.06
C ILE A 154 -1.39 16.79 -8.48
N ASP A 155 -0.64 17.33 -9.44
CA ASP A 155 0.57 16.70 -9.97
C ASP A 155 1.77 17.04 -9.10
N LEU A 156 2.30 16.02 -8.39
CA LEU A 156 3.34 16.25 -7.41
C LEU A 156 4.74 16.32 -8.02
N THR A 157 4.90 16.03 -9.32
CA THR A 157 6.22 15.92 -9.93
C THR A 157 6.45 16.77 -11.19
N LYS A 158 5.43 17.40 -11.76
CA LYS A 158 5.67 18.21 -12.96
C LYS A 158 6.61 19.38 -12.72
N ASP A 159 6.71 19.88 -11.48
CA ASP A 159 7.65 20.96 -11.14
C ASP A 159 8.24 20.67 -9.77
N SER A 160 9.06 21.60 -9.28
CA SER A 160 9.76 21.38 -8.02
C SER A 160 9.00 21.94 -6.81
N SER A 161 7.74 22.32 -6.97
CA SER A 161 7.00 23.06 -5.95
C SER A 161 6.34 22.19 -4.88
N LYS A 162 6.18 20.87 -5.11
CA LYS A 162 5.43 20.02 -4.19
C LYS A 162 6.25 19.00 -3.40
N VAL A 163 7.36 18.47 -3.95
CA VAL A 163 8.13 17.40 -3.29
C VAL A 163 9.61 17.76 -3.24
N LYS A 164 10.09 18.13 -2.06
CA LYS A 164 11.48 18.45 -1.81
C LYS A 164 12.35 17.19 -1.71
N ASN A 165 13.62 17.32 -2.12
CA ASN A 165 14.65 16.28 -1.97
C ASN A 165 14.43 15.10 -2.91
N GLN A 166 13.78 15.32 -4.04
CA GLN A 166 13.72 14.27 -5.04
C GLN A 166 15.08 14.13 -5.71
N PRO A 167 15.67 12.91 -5.77
CA PRO A 167 17.02 12.77 -6.33
C PRO A 167 17.09 13.14 -7.80
N SER A 168 18.25 13.66 -8.22
CA SER A 168 18.41 14.07 -9.61
C SER A 168 18.42 12.88 -10.55
N ASN A 169 18.80 11.69 -10.06
CA ASN A 169 18.85 10.48 -10.88
C ASN A 169 17.56 9.64 -10.78
N THR A 170 16.44 10.26 -10.42
CA THR A 170 15.14 9.59 -10.34
C THR A 170 14.68 9.16 -11.74
N ILE A 171 14.38 7.86 -11.89
CA ILE A 171 13.66 7.37 -13.06
C ILE A 171 12.15 7.54 -12.86
N GLY A 172 11.69 7.27 -11.65
CA GLY A 172 10.30 7.42 -11.29
C GLY A 172 10.17 7.09 -9.83
N TRP A 173 8.99 7.34 -9.29
CA TRP A 173 8.67 6.89 -7.93
C TRP A 173 7.16 6.97 -7.75
N LEU A 174 6.68 6.29 -6.72
CA LEU A 174 5.26 6.30 -6.40
C LEU A 174 5.13 5.85 -4.94
N GLY A 175 3.89 5.74 -4.45
CA GLY A 175 3.68 5.31 -3.08
C GLY A 175 3.98 3.84 -2.89
N GLY A 176 4.12 3.44 -1.62
CA GLY A 176 4.46 2.10 -1.20
C GLY A 176 3.34 1.08 -1.34
N VAL A 177 2.11 1.54 -1.67
CA VAL A 177 0.94 0.71 -1.96
C VAL A 177 0.35 0.14 -0.67
N GLY A 178 -0.69 0.81 -0.15
CA GLY A 178 -1.21 0.51 1.17
C GLY A 178 -1.53 1.82 1.87
N SER A 179 -1.18 1.97 3.14
CA SER A 179 -1.58 3.15 3.89
C SER A 179 -0.37 3.85 4.48
N GLY A 180 -0.48 5.17 4.63
CA GLY A 180 0.47 5.93 5.40
C GLY A 180 0.07 6.01 6.86
N ILE A 181 0.76 6.87 7.60
CA ILE A 181 0.55 7.00 9.05
C ILE A 181 0.66 8.48 9.41
N VAL A 182 0.31 8.80 10.68
CA VAL A 182 0.46 10.16 11.21
C VAL A 182 1.33 10.08 12.47
N MET A 183 2.37 10.91 12.54
CA MET A 183 3.19 10.96 13.73
C MET A 183 2.45 11.72 14.83
N ASP A 184 3.10 11.83 15.99
CA ASP A 184 2.48 12.50 17.15
C ASP A 184 2.16 13.97 16.87
N ASP A 185 3.07 14.69 16.21
CA ASP A 185 2.80 16.10 16.02
C ASP A 185 1.90 16.37 14.82
N GLY A 186 1.41 15.32 14.17
CA GLY A 186 0.55 15.45 13.02
C GLY A 186 1.27 15.32 11.70
N THR A 187 2.59 15.08 11.72
CA THR A 187 3.32 14.86 10.47
C THR A 187 2.74 13.65 9.76
N ILE A 188 2.44 13.81 8.48
CA ILE A 188 1.92 12.72 7.66
C ILE A 188 3.09 12.03 7.00
N VAL A 189 3.15 10.70 7.11
CA VAL A 189 4.20 9.89 6.47
C VAL A 189 3.54 8.89 5.55
N MET A 190 4.02 8.83 4.29
CA MET A 190 3.62 7.94 3.21
C MET A 190 4.79 7.05 2.86
N PRO A 191 4.59 5.73 2.82
CA PRO A 191 5.62 4.85 2.24
C PRO A 191 5.71 5.12 0.75
N ALA A 192 6.92 4.94 0.20
CA ALA A 192 7.17 5.20 -1.20
C ALA A 192 8.22 4.22 -1.72
N GLN A 193 8.42 4.25 -3.03
CA GLN A 193 9.35 3.38 -3.72
C GLN A 193 9.90 4.17 -4.89
N ILE A 194 11.20 4.07 -5.13
CA ILE A 194 11.87 4.91 -6.12
C ILE A 194 12.78 4.03 -6.97
N SER A 195 12.98 4.46 -8.22
CA SER A 195 13.93 3.85 -9.14
C SER A 195 15.00 4.90 -9.48
N LEU A 196 16.26 4.52 -9.28
CA LEU A 196 17.41 5.41 -9.36
C LEU A 196 18.41 4.89 -10.38
N ARG A 197 18.94 5.80 -11.20
CA ARG A 197 20.00 5.48 -12.14
C ARG A 197 21.33 5.51 -11.40
N GLU A 198 22.00 4.36 -11.34
CA GLU A 198 23.23 4.20 -10.56
C GLU A 198 24.19 3.35 -11.38
N ASN A 199 25.35 3.92 -11.74
CA ASN A 199 26.41 3.20 -12.44
C ASN A 199 25.89 2.39 -13.62
N ASN A 200 25.09 3.03 -14.48
CA ASN A 200 24.58 2.39 -15.71
C ASN A 200 23.60 1.24 -15.47
N GLU A 201 22.95 1.22 -14.31
CA GLU A 201 21.88 0.29 -13.99
C GLU A 201 20.74 1.08 -13.36
N ASN A 202 19.52 0.53 -13.41
CA ASN A 202 18.41 1.05 -12.62
C ASN A 202 18.23 0.18 -11.38
N ASN A 203 18.30 0.79 -10.19
CA ASN A 203 18.06 0.09 -8.93
C ASN A 203 16.84 0.68 -8.23
N TYR A 204 16.02 -0.18 -7.62
CA TYR A 204 14.84 0.33 -6.93
C TYR A 204 14.93 0.08 -5.42
N TYR A 205 14.37 1.01 -4.67
CA TYR A 205 14.50 1.12 -3.23
C TYR A 205 13.20 1.64 -2.62
N SER A 206 12.94 1.21 -1.40
CA SER A 206 11.91 1.82 -0.58
C SER A 206 12.46 3.08 0.08
N LEU A 207 11.55 3.94 0.51
CA LEU A 207 11.81 5.15 1.28
C LEU A 207 10.44 5.68 1.69
N ILE A 208 10.42 6.86 2.31
CA ILE A 208 9.18 7.50 2.73
C ILE A 208 9.21 8.94 2.25
N ILE A 209 8.02 9.56 2.21
CA ILE A 209 7.84 11.00 2.02
C ILE A 209 6.96 11.45 3.18
N TYR A 210 7.08 12.73 3.55
CA TYR A 210 6.29 13.24 4.68
C TYR A 210 5.81 14.65 4.38
N SER A 211 4.72 15.03 5.06
CA SER A 211 4.13 16.35 4.88
C SER A 211 3.80 16.95 6.25
N LYS A 212 4.13 18.22 6.41
CA LYS A 212 3.83 18.94 7.65
C LYS A 212 2.74 19.96 7.44
N ASP A 213 2.10 19.96 6.27
CA ASP A 213 1.06 20.93 5.95
C ASP A 213 -0.15 20.23 5.36
N ASN A 214 -0.54 19.10 5.96
CA ASN A 214 -1.78 18.41 5.63
C ASN A 214 -1.80 17.93 4.19
N GLY A 215 -0.63 17.65 3.60
CA GLY A 215 -0.55 17.04 2.29
C GLY A 215 -0.32 17.98 1.12
N GLU A 216 -0.24 19.30 1.35
CA GLU A 216 -0.04 20.23 0.24
C GLU A 216 1.36 20.10 -0.34
N THR A 217 2.37 19.94 0.52
CA THR A 217 3.75 19.78 0.09
C THR A 217 4.42 18.66 0.89
N TRP A 218 5.45 18.08 0.31
CA TRP A 218 6.07 16.88 0.84
C TRP A 218 7.59 17.02 0.80
N THR A 219 8.25 16.26 1.68
CA THR A 219 9.68 16.05 1.62
C THR A 219 9.99 14.56 1.48
N MET A 220 10.82 14.22 0.50
CA MET A 220 11.30 12.85 0.34
C MET A 220 12.42 12.55 1.32
N GLY A 221 12.34 11.39 1.97
CA GLY A 221 13.45 10.84 2.74
C GLY A 221 14.49 10.23 1.81
N ASN A 222 15.42 9.47 2.40
CA ASN A 222 16.48 8.79 1.66
C ASN A 222 16.22 7.28 1.59
N LYS A 223 16.84 6.64 0.61
CA LYS A 223 16.59 5.22 0.37
C LYS A 223 17.08 4.31 1.50
N VAL A 224 16.44 3.15 1.64
CA VAL A 224 16.78 2.13 2.61
C VAL A 224 18.08 1.41 2.21
N PRO A 225 18.64 0.56 3.07
CA PRO A 225 20.00 0.06 2.83
C PRO A 225 20.14 -0.93 1.69
N ASN A 226 19.07 -1.60 1.24
CA ASN A 226 19.18 -2.57 0.14
C ASN A 226 18.31 -2.21 -1.04
N SER A 227 18.86 -2.40 -2.25
CA SER A 227 18.08 -2.33 -3.47
C SER A 227 17.20 -3.58 -3.58
N ASN A 228 16.40 -3.61 -4.64
CA ASN A 228 15.35 -4.62 -4.82
C ASN A 228 14.29 -4.56 -3.73
N THR A 229 14.15 -3.40 -3.08
CA THR A 229 13.07 -3.15 -2.14
C THR A 229 12.08 -2.17 -2.76
N SER A 230 10.78 -2.42 -2.55
CA SER A 230 9.81 -1.61 -3.29
C SER A 230 8.59 -1.34 -2.44
N GLU A 231 7.48 -2.00 -2.76
CA GLU A 231 6.23 -1.76 -2.01
C GLU A 231 6.43 -2.00 -0.52
N ASN A 232 5.91 -1.09 0.30
CA ASN A 232 6.16 -1.20 1.73
C ASN A 232 5.14 -0.37 2.50
N MET A 233 5.04 -0.68 3.79
CA MET A 233 4.47 0.28 4.71
C MET A 233 5.33 0.43 5.95
N VAL A 234 5.15 1.59 6.63
CA VAL A 234 5.81 1.89 7.90
C VAL A 234 4.76 2.06 8.99
N ILE A 235 5.15 1.75 10.23
CA ILE A 235 4.43 2.13 11.43
C ILE A 235 5.30 3.10 12.21
N GLU A 236 4.67 3.85 13.11
CA GLU A 236 5.40 4.67 14.07
C GLU A 236 5.54 3.88 15.38
N LEU A 237 6.73 3.96 15.98
CA LEU A 237 6.92 3.30 17.28
C LEU A 237 7.84 4.19 18.11
N ASP A 238 7.25 4.99 19.02
CA ASP A 238 7.99 5.86 19.92
C ASP A 238 8.90 6.82 19.14
N GLY A 239 8.31 7.46 18.13
CA GLY A 239 9.03 8.39 17.28
C GLY A 239 9.87 7.75 16.20
N ALA A 240 10.14 6.45 16.29
CA ALA A 240 10.83 5.74 15.22
C ALA A 240 9.84 5.34 14.11
N LEU A 241 10.40 5.16 12.91
CA LEU A 241 9.68 4.57 11.79
C LEU A 241 10.21 3.15 11.58
N ILE A 242 9.32 2.16 11.53
CA ILE A 242 9.71 0.78 11.25
C ILE A 242 9.02 0.38 9.94
N MET A 243 9.82 -0.05 8.96
CA MET A 243 9.34 -0.44 7.64
C MET A 243 9.31 -1.96 7.50
N SER A 244 8.23 -2.48 6.91
CA SER A 244 8.19 -3.84 6.41
C SER A 244 8.07 -3.75 4.91
N THR A 245 9.04 -4.31 4.18
CA THR A 245 9.08 -4.05 2.74
C THR A 245 9.23 -5.32 1.93
N ARG A 246 8.67 -5.28 0.71
CA ARG A 246 8.86 -6.29 -0.30
C ARG A 246 10.32 -6.27 -0.77
N TYR A 247 11.02 -7.40 -0.61
CA TYR A 247 12.46 -7.52 -0.87
C TYR A 247 12.64 -8.63 -1.91
N ASP A 248 12.66 -8.24 -3.18
CA ASP A 248 12.48 -9.21 -4.26
C ASP A 248 13.64 -10.20 -4.36
N TYR A 249 13.30 -11.49 -4.45
CA TYR A 249 14.18 -12.65 -4.63
C TYR A 249 14.98 -12.98 -3.37
N SER A 250 14.70 -12.32 -2.25
CA SER A 250 15.28 -12.74 -0.97
C SER A 250 14.52 -13.89 -0.31
N GLY A 251 13.24 -14.05 -0.61
CA GLY A 251 12.40 -15.01 0.11
C GLY A 251 11.77 -14.48 1.39
N TYR A 252 11.93 -13.19 1.71
CA TYR A 252 11.33 -12.69 2.93
C TYR A 252 11.03 -11.19 2.81
N ARG A 253 10.23 -10.69 3.75
CA ARG A 253 10.05 -9.25 3.86
C ARG A 253 11.19 -8.66 4.68
N ALA A 254 11.84 -7.64 4.13
CA ALA A 254 12.87 -6.96 4.91
C ALA A 254 12.20 -6.03 5.91
N ALA A 255 12.95 -5.66 6.97
CA ALA A 255 12.50 -4.67 7.93
C ALA A 255 13.65 -3.73 8.31
N TYR A 256 13.35 -2.45 8.38
CA TYR A 256 14.30 -1.40 8.72
C TYR A 256 13.69 -0.45 9.75
N ILE A 257 14.55 0.28 10.46
CA ILE A 257 14.09 1.27 11.43
C ILE A 257 14.83 2.59 11.21
N SER A 258 14.12 3.70 11.33
CA SER A 258 14.69 5.04 11.21
C SER A 258 14.34 5.84 12.45
N HIS A 259 15.33 6.52 13.02
CA HIS A 259 15.07 7.39 14.16
C HIS A 259 15.04 8.86 13.80
N ASP A 260 15.13 9.20 12.51
CA ASP A 260 15.20 10.59 12.05
C ASP A 260 14.25 10.83 10.89
N LEU A 261 13.04 10.26 10.99
CA LEU A 261 11.98 10.49 10.02
C LEU A 261 12.41 10.12 8.59
N GLY A 262 13.15 9.03 8.46
CA GLY A 262 13.45 8.49 7.13
C GLY A 262 14.72 9.02 6.49
N SER A 263 15.56 9.74 7.23
CA SER A 263 16.84 10.18 6.64
C SER A 263 17.87 9.05 6.64
N THR A 264 17.96 8.28 7.72
CA THR A 264 18.84 7.12 7.72
C THR A 264 18.04 5.92 8.22
N TRP A 265 18.60 4.72 7.95
CA TRP A 265 17.96 3.44 8.22
C TRP A 265 18.99 2.40 8.67
N GLU A 266 18.56 1.47 9.54
CA GLU A 266 19.34 0.26 9.78
C GLU A 266 18.37 -0.92 9.81
N ILE A 267 18.93 -2.12 9.67
CA ILE A 267 18.11 -3.35 9.72
C ILE A 267 17.38 -3.41 11.05
N TYR A 268 16.07 -3.71 11.01
CA TYR A 268 15.27 -3.91 12.24
C TYR A 268 15.16 -5.42 12.47
N GLU A 269 16.00 -5.96 13.35
CA GLU A 269 16.10 -7.41 13.47
C GLU A 269 14.83 -8.13 13.90
N PRO A 270 13.99 -7.61 14.82
CA PRO A 270 12.82 -8.41 15.27
C PRO A 270 11.86 -8.77 14.14
N LEU A 271 11.79 -7.96 13.09
CA LEU A 271 10.93 -8.26 11.95
C LEU A 271 11.69 -8.63 10.69
N ASN A 272 12.95 -8.24 10.56
CA ASN A 272 13.66 -8.50 9.31
C ASN A 272 13.84 -10.01 9.12
N GLY A 273 13.38 -10.52 7.98
CA GLY A 273 13.51 -11.93 7.66
C GLY A 273 12.52 -12.84 8.34
N LYS A 274 11.56 -12.30 9.09
CA LYS A 274 10.66 -13.12 9.89
C LYS A 274 9.40 -13.56 9.13
N VAL A 275 8.93 -12.75 8.17
CA VAL A 275 7.81 -13.12 7.31
C VAL A 275 8.41 -13.64 6.01
N LEU A 276 8.27 -14.94 5.76
CA LEU A 276 8.80 -15.57 4.56
C LEU A 276 7.78 -15.48 3.45
N THR A 277 8.27 -15.41 2.21
CA THR A 277 7.38 -15.09 1.09
C THR A 277 7.56 -16.05 -0.08
N GLY A 278 8.31 -17.16 0.11
CA GLY A 278 8.41 -18.23 -0.90
C GLY A 278 9.40 -17.89 -2.00
N LYS A 279 9.55 -18.84 -2.92
CA LYS A 279 10.44 -18.72 -4.07
C LYS A 279 9.97 -17.61 -5.01
N GLY A 280 10.92 -17.00 -5.73
CA GLY A 280 10.59 -16.07 -6.80
C GLY A 280 10.53 -14.61 -6.36
N SER A 281 9.74 -13.80 -7.08
CA SER A 281 9.61 -12.40 -6.71
C SER A 281 8.89 -12.26 -5.36
N GLY A 282 9.02 -11.08 -4.75
CA GLY A 282 8.28 -10.76 -3.55
C GLY A 282 6.84 -10.42 -3.89
N CYS A 283 6.13 -9.87 -2.90
CA CYS A 283 4.73 -9.47 -3.08
C CYS A 283 4.41 -8.32 -2.11
N GLN A 284 3.55 -7.42 -2.57
CA GLN A 284 3.02 -6.40 -1.69
C GLN A 284 2.33 -7.03 -0.48
N GLY A 285 2.41 -6.35 0.66
CA GLY A 285 1.61 -6.73 1.81
C GLY A 285 1.33 -5.46 2.60
N SER A 286 0.66 -5.61 3.74
CA SER A 286 0.44 -4.42 4.54
C SER A 286 0.96 -4.61 5.95
N PHE A 287 1.19 -3.50 6.64
CA PHE A 287 1.83 -3.56 7.96
C PHE A 287 1.30 -2.38 8.76
N ILE A 288 0.58 -2.66 9.86
CA ILE A 288 -0.10 -1.64 10.65
C ILE A 288 0.15 -1.94 12.12
N LYS A 289 -0.05 -0.91 12.94
CA LYS A 289 0.12 -0.99 14.38
C LYS A 289 -1.23 -0.89 15.07
N ALA A 290 -1.41 -1.72 16.10
CA ALA A 290 -2.55 -1.69 17.00
C ALA A 290 -2.01 -1.62 18.43
N THR A 291 -2.75 -0.96 19.33
CA THR A 291 -2.41 -1.01 20.75
C THR A 291 -3.51 -1.80 21.47
N THR A 292 -3.16 -2.94 22.05
CA THR A 292 -4.15 -3.75 22.76
C THR A 292 -4.45 -3.13 24.13
N SER A 293 -5.51 -3.64 24.76
CA SER A 293 -5.98 -3.05 26.01
C SER A 293 -4.94 -3.11 27.12
N ASN A 294 -4.06 -4.12 27.12
CA ASN A 294 -3.00 -4.13 28.12
C ASN A 294 -1.88 -3.12 27.82
N GLY A 295 -2.06 -2.23 26.83
CA GLY A 295 -1.06 -1.23 26.51
C GLY A 295 0.02 -1.68 25.53
N HIS A 296 0.07 -2.95 25.18
CA HIS A 296 1.09 -3.43 24.24
C HIS A 296 0.87 -2.91 22.82
N ARG A 297 1.97 -2.53 22.17
CA ARG A 297 1.92 -2.16 20.76
C ARG A 297 2.17 -3.44 19.96
N ILE A 298 1.25 -3.76 19.06
CA ILE A 298 1.44 -4.96 18.23
C ILE A 298 1.51 -4.50 16.78
N GLY A 299 2.21 -5.30 15.99
CA GLY A 299 2.27 -5.11 14.55
C GLY A 299 1.50 -6.24 13.91
N LEU A 300 0.71 -5.90 12.89
CA LEU A 300 -0.05 -6.88 12.10
C LEU A 300 0.41 -6.77 10.66
N ILE A 301 0.74 -7.91 10.05
CA ILE A 301 1.24 -7.96 8.67
C ILE A 301 0.34 -8.89 7.87
N SER A 302 -0.10 -8.42 6.70
CA SER A 302 -0.83 -9.28 5.78
C SER A 302 0.07 -9.54 4.57
N ALA A 303 0.17 -10.81 4.13
CA ALA A 303 0.99 -11.17 2.97
C ALA A 303 0.73 -12.63 2.59
N PRO A 304 0.88 -13.00 1.32
CA PRO A 304 0.77 -14.43 0.96
C PRO A 304 1.92 -15.25 1.55
N LYS A 305 1.60 -16.45 1.98
CA LYS A 305 2.66 -17.39 2.36
C LYS A 305 3.42 -17.86 1.13
N ASN A 306 2.73 -18.01 0.00
CA ASN A 306 3.39 -18.39 -1.27
C ASN A 306 4.18 -19.70 -1.13
N THR A 307 3.60 -20.66 -0.41
CA THR A 307 4.21 -21.99 -0.29
C THR A 307 4.39 -22.66 -1.64
N LYS A 308 3.54 -22.35 -2.63
CA LYS A 308 3.64 -22.96 -3.96
C LYS A 308 4.60 -22.21 -4.90
N GLY A 309 4.94 -20.96 -4.59
CA GLY A 309 6.09 -20.29 -5.18
C GLY A 309 5.73 -19.33 -6.31
N GLU A 310 6.65 -18.39 -6.56
CA GLU A 310 6.63 -17.44 -7.67
C GLU A 310 5.35 -16.60 -7.61
N TYR A 311 4.55 -16.54 -8.68
CA TYR A 311 3.39 -15.65 -8.67
C TYR A 311 2.12 -16.35 -8.21
N ILE A 312 2.21 -17.61 -7.76
CA ILE A 312 1.02 -18.27 -7.25
C ILE A 312 0.50 -17.53 -6.01
N ARG A 313 1.40 -17.16 -5.10
CA ARG A 313 1.06 -16.29 -3.97
C ARG A 313 -0.14 -16.86 -3.19
N ASP A 314 -0.08 -18.16 -2.92
CA ASP A 314 -1.15 -18.81 -2.16
C ASP A 314 -1.18 -18.30 -0.70
N ASN A 315 -2.39 -18.33 -0.12
CA ASN A 315 -2.62 -18.19 1.32
C ASN A 315 -2.22 -16.81 1.84
N ILE A 316 -3.07 -15.82 1.60
CA ILE A 316 -2.86 -14.50 2.19
C ILE A 316 -3.10 -14.63 3.68
N ALA A 317 -2.05 -14.48 4.49
CA ALA A 317 -2.12 -14.73 5.93
C ALA A 317 -1.97 -13.42 6.69
N VAL A 318 -2.38 -13.43 7.96
CA VAL A 318 -2.18 -12.28 8.85
C VAL A 318 -1.29 -12.70 10.00
N TYR A 319 -0.21 -11.95 10.22
CA TYR A 319 0.81 -12.24 11.22
C TYR A 319 0.83 -11.16 12.29
N MET A 320 1.24 -11.55 13.50
N MET A 320 1.27 -11.55 13.49
CA MET A 320 1.29 -10.61 14.63
CA MET A 320 1.31 -10.64 14.63
C MET A 320 2.65 -10.69 15.33
C MET A 320 2.67 -10.69 15.31
N ILE A 321 3.19 -9.51 15.67
CA ILE A 321 4.35 -9.39 16.54
C ILE A 321 3.93 -8.46 17.68
N ASP A 322 4.46 -8.73 18.89
CA ASP A 322 4.25 -7.88 20.07
C ASP A 322 5.54 -7.13 20.35
N PHE A 323 5.54 -5.82 20.09
CA PHE A 323 6.75 -5.00 20.28
C PHE A 323 7.10 -4.86 21.76
N ASP A 324 6.14 -5.13 22.65
CA ASP A 324 6.44 -5.10 24.08
C ASP A 324 6.73 -6.48 24.63
N ASP A 325 6.90 -7.47 23.75
CA ASP A 325 7.20 -8.82 24.16
C ASP A 325 7.96 -9.47 22.99
N LEU A 326 9.16 -8.99 22.73
CA LEU A 326 9.85 -9.35 21.48
C LEU A 326 10.47 -10.74 21.52
N SER A 327 10.62 -11.37 22.68
CA SER A 327 11.12 -12.75 22.65
C SER A 327 10.07 -13.74 22.15
N LYS A 328 8.80 -13.33 22.09
CA LYS A 328 7.72 -14.15 21.55
C LYS A 328 7.74 -14.12 20.02
N ARG A 329 7.81 -15.28 19.37
CA ARG A 329 8.01 -15.29 17.92
C ARG A 329 6.76 -14.80 17.18
N VAL A 330 6.99 -14.24 16.00
CA VAL A 330 5.89 -13.84 15.12
C VAL A 330 4.93 -15.00 14.97
N GLN A 331 3.63 -14.70 15.04
CA GLN A 331 2.57 -15.69 15.08
C GLN A 331 1.65 -15.50 13.90
N GLU A 332 1.32 -16.59 13.21
CA GLU A 332 0.26 -16.56 12.22
C GLU A 332 -1.08 -16.50 12.94
N ILE A 333 -1.86 -15.47 12.68
CA ILE A 333 -3.15 -15.30 13.39
C ILE A 333 -4.28 -16.03 12.67
N CYS A 334 -4.38 -15.82 11.36
CA CYS A 334 -5.41 -16.46 10.55
C CYS A 334 -4.96 -16.32 9.10
N ILE A 335 -5.65 -17.03 8.21
CA ILE A 335 -5.38 -16.93 6.76
C ILE A 335 -6.66 -16.49 6.08
N PRO A 336 -6.88 -15.18 5.87
CA PRO A 336 -8.16 -14.71 5.29
C PRO A 336 -8.44 -15.25 3.91
N TYR A 337 -7.42 -15.57 3.11
CA TYR A 337 -7.60 -16.11 1.77
C TYR A 337 -6.74 -17.34 1.61
N PRO A 338 -7.23 -18.51 2.09
CA PRO A 338 -6.49 -19.77 2.05
C PRO A 338 -6.54 -20.47 0.70
N LYS A 339 -6.20 -19.73 -0.36
CA LYS A 339 -6.33 -20.23 -1.72
C LYS A 339 -5.14 -19.79 -2.55
N ASP A 340 -4.91 -20.49 -3.64
CA ASP A 340 -3.95 -20.01 -4.62
C ASP A 340 -4.40 -18.67 -5.18
N GLY A 341 -3.45 -17.75 -5.35
CA GLY A 341 -3.72 -16.56 -6.12
C GLY A 341 -3.69 -16.86 -7.61
N ASN A 342 -4.32 -15.99 -8.38
CA ASN A 342 -4.28 -16.13 -9.83
C ASN A 342 -2.94 -15.61 -10.35
N LYS A 343 -2.22 -16.46 -11.10
CA LYS A 343 -0.89 -16.12 -11.59
C LYS A 343 -0.90 -14.86 -12.45
N LEU A 344 -2.05 -14.56 -13.07
CA LEU A 344 -2.16 -13.35 -13.87
C LEU A 344 -1.99 -12.10 -13.03
N GLY A 345 -2.19 -12.19 -11.72
CA GLY A 345 -2.13 -11.02 -10.87
C GLY A 345 -2.98 -11.23 -9.64
N GLY A 346 -2.36 -11.47 -8.49
CA GLY A 346 -3.08 -11.74 -7.25
C GLY A 346 -2.13 -11.53 -6.08
N GLY A 347 -2.65 -11.80 -4.87
CA GLY A 347 -1.82 -11.80 -3.67
C GLY A 347 -1.86 -10.51 -2.82
N TYR A 348 -2.22 -9.37 -3.42
CA TYR A 348 -2.05 -8.11 -2.69
C TYR A 348 -3.15 -7.98 -1.64
N SER A 349 -2.90 -7.16 -0.61
CA SER A 349 -3.84 -7.04 0.50
C SER A 349 -3.61 -5.74 1.26
N CYS A 350 -4.61 -5.37 2.08
CA CYS A 350 -4.45 -4.16 2.90
C CYS A 350 -5.31 -4.31 4.14
N LEU A 351 -4.69 -4.17 5.31
CA LEU A 351 -5.37 -4.11 6.61
C LEU A 351 -5.67 -2.67 7.01
N SER A 352 -6.71 -2.50 7.81
CA SER A 352 -6.92 -1.21 8.46
C SER A 352 -7.47 -1.52 9.84
N PHE A 353 -6.93 -0.82 10.84
CA PHE A 353 -7.34 -0.99 12.23
C PHE A 353 -7.79 0.36 12.76
N LYS A 354 -8.97 0.39 13.39
CA LYS A 354 -9.43 1.65 13.98
C LYS A 354 -10.43 1.34 15.07
N ASN A 355 -10.24 1.93 16.25
CA ASN A 355 -11.23 1.85 17.33
C ASN A 355 -11.57 0.39 17.64
N SER A 356 -10.54 -0.43 17.77
CA SER A 356 -10.64 -1.85 18.13
C SER A 356 -11.35 -2.70 17.07
N HIS A 357 -11.50 -2.22 15.84
CA HIS A 357 -11.97 -3.02 14.72
C HIS A 357 -10.85 -3.21 13.70
N LEU A 358 -10.92 -4.32 12.98
CA LEU A 358 -9.88 -4.70 12.02
C LEU A 358 -10.53 -5.26 10.77
N SER A 359 -10.18 -4.70 9.62
CA SER A 359 -10.72 -5.11 8.33
C SER A 359 -9.58 -5.37 7.35
N ILE A 360 -9.89 -6.17 6.34
CA ILE A 360 -8.92 -6.47 5.29
C ILE A 360 -9.63 -6.44 3.94
N VAL A 361 -8.93 -5.94 2.91
CA VAL A 361 -9.31 -6.16 1.52
C VAL A 361 -8.17 -6.91 0.84
N TYR A 362 -8.48 -7.73 -0.16
CA TYR A 362 -7.41 -8.52 -0.79
C TYR A 362 -7.86 -9.03 -2.15
N GLU A 363 -6.87 -9.43 -2.94
CA GLU A 363 -7.07 -9.93 -4.28
C GLU A 363 -7.49 -11.39 -4.25
N ALA A 364 -8.48 -11.71 -5.06
CA ALA A 364 -9.09 -13.03 -5.03
C ALA A 364 -9.60 -13.37 -6.43
N ASN A 365 -8.73 -13.98 -7.24
CA ASN A 365 -9.09 -14.48 -8.57
C ASN A 365 -9.70 -13.37 -9.45
N GLY A 366 -9.01 -12.23 -9.54
CA GLY A 366 -9.48 -11.13 -10.37
C GLY A 366 -10.50 -10.21 -9.73
N ASN A 367 -11.08 -10.59 -8.59
CA ASN A 367 -11.95 -9.76 -7.78
C ASN A 367 -11.18 -9.16 -6.63
N ILE A 368 -11.78 -8.19 -5.96
CA ILE A 368 -11.38 -7.80 -4.62
C ILE A 368 -12.43 -8.32 -3.64
N GLU A 369 -11.96 -8.98 -2.57
CA GLU A 369 -12.87 -9.37 -1.49
C GLU A 369 -12.58 -8.57 -0.22
N TYR A 370 -13.61 -8.55 0.65
CA TYR A 370 -13.60 -7.81 1.91
C TYR A 370 -13.95 -8.75 3.06
N GLN A 371 -13.22 -8.61 4.17
CA GLN A 371 -13.59 -9.30 5.39
C GLN A 371 -13.43 -8.37 6.58
N ASP A 372 -14.33 -8.49 7.55
CA ASP A 372 -14.16 -7.91 8.88
C ASP A 372 -13.44 -8.93 9.75
N LEU A 373 -12.23 -8.59 10.18
CA LEU A 373 -11.41 -9.47 11.00
C LEU A 373 -11.49 -9.13 12.48
N THR A 374 -12.37 -8.21 12.88
CA THR A 374 -12.45 -7.84 14.30
C THR A 374 -12.55 -9.03 15.24
N PRO A 375 -13.23 -10.14 14.90
CA PRO A 375 -13.21 -11.28 15.83
C PRO A 375 -11.82 -11.82 16.13
N TYR A 376 -10.90 -11.77 15.15
CA TYR A 376 -9.52 -12.17 15.42
C TYR A 376 -8.79 -11.15 16.30
N TYR A 377 -9.05 -9.86 16.12
CA TYR A 377 -8.47 -8.87 17.02
C TYR A 377 -8.96 -9.10 18.46
N SER A 378 -10.24 -9.46 18.64
CA SER A 378 -10.71 -9.78 19.99
C SER A 378 -9.97 -10.96 20.60
N LEU A 379 -9.69 -11.99 19.80
CA LEU A 379 -8.87 -13.09 20.32
C LEU A 379 -7.52 -12.60 20.80
N ILE A 380 -6.87 -11.71 20.03
CA ILE A 380 -5.56 -11.20 20.45
C ILE A 380 -5.69 -10.31 21.69
N ASN A 381 -6.77 -9.54 21.76
CA ASN A 381 -6.91 -8.54 22.83
C ASN A 381 -7.21 -9.15 24.18
N LYS A 382 -7.73 -10.39 24.24
CA LYS A 382 -7.80 -11.19 25.48
C LYS A 382 -8.61 -10.48 26.58
N GLN A 383 -9.78 -9.96 26.21
CA GLN A 383 -10.61 -9.20 27.16
C GLN A 383 -11.85 -9.99 27.54
C1 EDO B . -1.95 18.94 14.44
O1 EDO B . -2.24 17.75 13.68
C2 EDO B . -1.88 18.63 15.95
O2 EDO B . -3.17 18.26 16.46
C1 EDO C . -18.79 -2.48 -8.66
O1 EDO C . -19.83 -2.47 -9.67
C2 EDO C . -18.76 -3.78 -7.85
O2 EDO C . -18.39 -4.89 -8.66
C1 EDO D . -0.30 -23.44 3.85
O1 EDO D . -0.92 -22.76 4.95
C2 EDO D . 0.65 -24.52 4.35
O2 EDO D . 1.67 -23.91 5.16
C1 EDO E . -13.33 -14.36 -16.89
O1 EDO E . -13.11 -13.39 -15.83
C2 EDO E . -14.83 -14.52 -17.13
O2 EDO E . -15.47 -15.07 -15.96
C1 EDO F . -4.35 5.79 8.70
O1 EDO F . -4.78 6.51 7.54
C2 EDO F . -3.58 6.72 9.64
O2 EDO F . -4.40 7.85 9.99
C1 EDO G . -21.20 5.10 10.09
O1 EDO G . -22.28 4.38 9.49
C2 EDO G . -20.94 6.37 9.29
O2 EDO G . -20.77 6.02 7.91
C1 EDO H . 7.04 -20.59 2.15
O1 EDO H . 7.27 -21.82 1.45
C2 EDO H . 8.29 -20.34 2.98
O2 EDO H . 9.31 -19.80 2.13
C1 EDO I . -10.66 -12.45 -18.80
O1 EDO I . -11.84 -11.72 -19.15
C2 EDO I . -9.62 -11.49 -18.20
O2 EDO I . -9.07 -10.72 -19.28
C1 EDO J . 18.78 -6.74 4.76
O1 EDO J . 19.98 -7.33 4.23
C2 EDO J . 17.74 -7.84 4.88
O2 EDO J . 18.45 -8.93 5.47
C1 EDO K . 20.94 -6.20 -1.50
O1 EDO K . 19.91 -6.08 -2.49
C2 EDO K . 22.05 -5.17 -1.74
O2 EDO K . 21.51 -3.86 -1.98
C1 EDO L . 12.49 9.69 -22.53
O1 EDO L . 11.90 11.00 -22.69
C2 EDO L . 12.09 8.97 -21.23
O2 EDO L . 10.75 8.42 -21.29
C1 EDO M . -3.92 -22.99 -1.28
O1 EDO M . -5.15 -23.60 -0.86
C2 EDO M . -2.80 -23.93 -0.87
O2 EDO M . -2.94 -24.17 0.54
C1 EDO N . -0.26 -9.44 22.20
O1 EDO N . -1.14 -10.56 22.45
C2 EDO N . -0.71 -8.25 23.03
O2 EDO N . -0.77 -8.63 24.41
C1 EDO O . -13.87 1.57 12.70
O1 EDO O . -14.37 2.42 11.65
C2 EDO O . -14.52 1.95 14.03
O2 EDO O . -14.26 3.34 14.34
C1 EDO P . 17.59 0.53 -18.17
O1 EDO P . 18.95 0.15 -17.93
C2 EDO P . 17.49 1.41 -19.41
O2 EDO P . 17.85 0.68 -20.59
C1 SIA Q . 2.85 -7.54 -8.91
C2 SIA Q . 2.79 -6.14 -9.71
C3 SIA Q . 1.52 -5.26 -9.48
C4 SIA Q . 1.68 -3.74 -9.34
C5 SIA Q . 2.96 -3.31 -10.08
C6 SIA Q . 4.18 -3.98 -9.38
C7 SIA Q . 5.52 -3.85 -10.19
C8 SIA Q . 6.69 -4.64 -9.54
C9 SIA Q . 7.99 -4.44 -10.34
C10 SIA Q . 3.58 -1.16 -11.23
C11 SIA Q . 3.53 0.38 -11.12
N5 SIA Q . 3.03 -1.84 -10.18
O1A SIA Q . 3.95 -7.88 -8.38
O1B SIA Q . 1.76 -8.19 -8.89
O2 SIA Q . 2.96 -6.42 -11.08
O4 SIA Q . 0.60 -2.98 -9.92
O6 SIA Q . 4.00 -5.40 -9.26
O7 SIA Q . 5.34 -4.17 -11.57
O8 SIA Q . 6.82 -4.26 -8.15
O9 SIA Q . 8.32 -3.04 -10.48
O10 SIA Q . 4.11 -1.72 -12.21
#